data_1NJX
#
_entry.id   1NJX
#
_cell.length_a   88.331
_cell.length_b   93.554
_cell.length_c   104.898
_cell.angle_alpha   90.00
_cell.angle_beta   90.00
_cell.angle_gamma   90.00
#
_symmetry.space_group_name_H-M   'P 21 21 21'
#
loop_
_entity.id
_entity.type
_entity.pdbx_description
1 polymer 'DNA PRIMER STRAND'
2 polymer 'DNA TEMPLATE STRAND'
3 polymer 'DNA POLYMERASE I'
4 branched beta-D-fructofuranose-(2-1)-alpha-D-glucopyranose
5 non-polymer 'SULFATE ION'
6 non-polymer 'MAGNESIUM ION'
7 water water
#
loop_
_entity_poly.entity_id
_entity_poly.type
_entity_poly.pdbx_seq_one_letter_code
_entity_poly.pdbx_strand_id
1 'polydeoxyribonucleotide' (DG)(DC)(DA)(DT)(DG)(DA)(DT)(DG)(DC)(DT)(DT) B
2 'polydeoxyribonucleotide' (DC)(DC)(DC)(DG)(DA)(DG)(DC)(DA)(DT)(DC)(DA)(DT)(DG)(DC)(DA) C
3 'polypeptide(L)'
;AKMAFTLADRVTEEMLADKAALVVEVVEENYHDAPIVGIAVVNEHGRFFLRPETALADPQFVAWLGDETKKKSMFDSKRA
AVALKWKGIELCGVSFDLLLAAYLLDPAQGVDDVAAAAKMKQYEAVRPDEAVYGKGAKRAVPDEPVLAEHLVRKAAAIWE
LERPFLDELRRNEQDRLLVELEQPLSSILAEMEFAGVKVDTKRLEQMGKELAEQLGTVEQRIYELAGQEFNINSPKQLGV
ILFEKLQLPVLKKTKTGYSTSADVLEKLAPYHEIVENILHYRQLGKLQSTYIEGLLKVVRPDTKKVHTIFNQALTQTGRL
SSTEPNLQNIPIRLEEGRKIRQAFVPSESDWLIFAADYSQIELRVLAHIAEDDNLMEAFRRDLDIHTKTAMDIFQVSEDE
VTPNMRRQAKAVNFGIVYGISDYGLAQNLNISRKEAAEFIERYFESFPGVKRYMENIVQEAKQKGYVTTLLHRRRYLPDI
TSRNFNVRSFAERMAMNTPIQGSAADIIKKAMIDLNARLKEERLQAHLLLQVHDELILEAPKEEMERLCRLVPEVMEQAV
TLRVPLKVDYHYGSTWYDAK
;
A
#
# COMPACT_ATOMS: atom_id res chain seq x y z
N ALA C 1 9.07 31.64 26.22
CA ALA C 1 9.89 30.78 25.32
C ALA C 1 9.22 30.66 23.96
N LYS C 2 8.13 31.40 23.78
CA LYS C 2 7.38 31.37 22.53
C LYS C 2 8.24 31.72 21.33
N MET C 3 7.73 31.42 20.15
CA MET C 3 8.45 31.71 18.92
C MET C 3 7.84 32.93 18.24
N ALA C 4 8.70 33.86 17.84
CA ALA C 4 8.24 35.08 17.19
C ALA C 4 7.77 34.84 15.77
N PHE C 5 6.69 35.53 15.39
CA PHE C 5 6.15 35.43 14.05
C PHE C 5 5.13 36.53 13.82
N THR C 6 4.80 36.76 12.56
CA THR C 6 3.84 37.79 12.19
C THR C 6 2.48 37.15 11.88
N LEU C 7 1.47 37.56 12.61
CA LEU C 7 0.10 37.06 12.38
C LEU C 7 -0.44 38.04 11.34
N ALA C 8 -0.15 37.75 10.08
CA ALA C 8 -0.55 38.60 8.97
C ALA C 8 -2.04 38.68 8.66
N ASP C 9 -2.48 39.88 8.34
CA ASP C 9 -3.87 40.15 8.00
C ASP C 9 -3.98 40.16 6.48
N ARG C 10 -2.83 40.24 5.82
CA ARG C 10 -2.77 40.25 4.36
C ARG C 10 -1.41 39.75 3.87
N VAL C 11 -1.38 39.29 2.62
CA VAL C 11 -0.17 38.77 2.01
C VAL C 11 0.77 39.88 1.54
N THR C 12 2.06 39.74 1.88
CA THR C 12 3.06 40.72 1.49
C THR C 12 4.13 40.09 0.59
N GLU C 13 4.88 40.92 -0.09
CA GLU C 13 5.93 40.47 -1.00
C GLU C 13 7.00 39.57 -0.38
N GLU C 14 7.45 39.91 0.83
CA GLU C 14 8.48 39.11 1.48
C GLU C 14 8.00 37.71 1.86
N MET C 15 6.69 37.49 1.81
CA MET C 15 6.13 36.18 2.12
C MET C 15 6.22 35.28 0.90
N LEU C 16 6.59 35.87 -0.24
CA LEU C 16 6.68 35.12 -1.48
C LEU C 16 8.10 34.91 -2.02
N ALA C 17 9.06 34.70 -1.12
CA ALA C 17 10.45 34.47 -1.51
C ALA C 17 10.56 33.18 -2.31
N ASP C 18 11.67 33.00 -3.03
CA ASP C 18 11.86 31.82 -3.86
C ASP C 18 12.21 30.52 -3.11
N LYS C 19 12.29 30.59 -1.79
CA LYS C 19 12.54 29.40 -0.98
C LYS C 19 11.89 29.61 0.37
N ALA C 20 11.11 28.63 0.80
CA ALA C 20 10.42 28.75 2.07
C ALA C 20 9.90 27.42 2.58
N ALA C 21 9.71 27.35 3.89
CA ALA C 21 9.12 26.18 4.52
C ALA C 21 7.66 26.58 4.51
N LEU C 22 6.80 25.70 3.99
CA LEU C 22 5.38 25.99 3.90
C LEU C 22 4.52 24.96 4.61
N VAL C 23 3.53 25.43 5.36
CA VAL C 23 2.58 24.58 6.06
C VAL C 23 1.18 25.01 5.62
N VAL C 24 0.44 24.06 5.05
CA VAL C 24 -0.94 24.26 4.60
C VAL C 24 -1.64 23.17 5.40
N GLU C 25 -2.13 23.56 6.57
CA GLU C 25 -2.72 22.62 7.51
C GLU C 25 -4.11 22.07 7.27
N VAL C 26 -4.16 20.74 7.14
CA VAL C 26 -5.41 20.01 6.96
C VAL C 26 -5.43 19.01 8.12
N VAL C 27 -6.30 19.28 9.09
CA VAL C 27 -6.41 18.47 10.29
C VAL C 27 -7.20 17.17 10.12
N GLU C 28 -8.24 17.18 9.30
CA GLU C 28 -9.02 15.98 9.06
C GLU C 28 -8.10 14.89 8.51
N GLU C 29 -8.19 13.68 9.04
CA GLU C 29 -7.34 12.58 8.55
C GLU C 29 -7.54 12.38 7.06
N ASN C 30 -8.79 12.34 6.63
CA ASN C 30 -9.08 12.18 5.20
C ASN C 30 -9.10 13.61 4.66
N TYR C 31 -8.08 13.97 3.89
CA TYR C 31 -7.98 15.34 3.38
C TYR C 31 -8.79 15.70 2.13
N HIS C 32 -9.53 14.74 1.57
CA HIS C 32 -10.31 15.02 0.37
C HIS C 32 -11.45 16.00 0.62
N ASP C 33 -11.40 17.13 -0.08
CA ASP C 33 -12.41 18.19 0.02
C ASP C 33 -12.52 18.68 1.46
N ALA C 34 -11.40 18.60 2.18
CA ALA C 34 -11.34 18.98 3.58
C ALA C 34 -10.88 20.42 3.78
N PRO C 35 -11.20 20.99 4.95
CA PRO C 35 -10.82 22.37 5.27
C PRO C 35 -9.32 22.55 5.48
N ILE C 36 -8.84 23.73 5.09
CA ILE C 36 -7.45 24.09 5.33
C ILE C 36 -7.66 25.08 6.47
N VAL C 37 -7.15 24.74 7.66
CA VAL C 37 -7.36 25.57 8.84
C VAL C 37 -6.37 26.70 9.07
N GLY C 38 -5.23 26.67 8.39
CA GLY C 38 -4.26 27.72 8.58
C GLY C 38 -3.05 27.51 7.70
N ILE C 39 -2.29 28.59 7.50
CA ILE C 39 -1.09 28.54 6.66
C ILE C 39 0.08 29.20 7.37
N ALA C 40 1.26 28.62 7.25
CA ALA C 40 2.45 29.20 7.85
C ALA C 40 3.56 29.20 6.82
N VAL C 41 4.34 30.27 6.82
CA VAL C 41 5.45 30.41 5.89
C VAL C 41 6.66 30.86 6.67
N VAL C 42 7.78 30.17 6.44
CA VAL C 42 9.03 30.55 7.08
C VAL C 42 10.07 30.66 6.00
N ASN C 43 10.71 31.82 5.91
CA ASN C 43 11.74 32.03 4.92
C ASN C 43 12.82 32.96 5.47
N GLU C 44 13.72 33.42 4.59
CA GLU C 44 14.82 34.28 5.02
C GLU C 44 14.36 35.61 5.62
N HIS C 45 13.15 36.03 5.29
CA HIS C 45 12.62 37.30 5.79
C HIS C 45 11.89 37.18 7.13
N GLY C 46 11.60 35.97 7.56
CA GLY C 46 10.92 35.80 8.83
C GLY C 46 9.91 34.65 8.87
N ARG C 47 9.03 34.70 9.87
CA ARG C 47 8.01 33.67 10.05
C ARG C 47 6.63 34.32 9.97
N PHE C 48 5.72 33.71 9.20
CA PHE C 48 4.39 34.28 9.07
C PHE C 48 3.26 33.26 9.18
N PHE C 49 2.12 33.73 9.66
CA PHE C 49 0.91 32.91 9.78
C PHE C 49 -0.15 33.63 8.96
N LEU C 50 -0.85 32.88 8.12
CA LEU C 50 -1.91 33.45 7.28
C LEU C 50 -3.20 32.68 7.43
N ARG C 51 -4.31 33.42 7.46
CA ARG C 51 -5.62 32.79 7.54
C ARG C 51 -5.91 32.29 6.12
N PRO C 52 -6.40 31.06 5.97
CA PRO C 52 -6.71 30.48 4.66
C PRO C 52 -7.65 31.32 3.81
N GLU C 53 -8.72 31.82 4.41
CA GLU C 53 -9.71 32.61 3.69
C GLU C 53 -9.09 33.78 2.92
N THR C 54 -8.06 34.38 3.49
CA THR C 54 -7.42 35.52 2.84
C THR C 54 -6.30 35.11 1.89
N ALA C 55 -5.37 34.28 2.37
CA ALA C 55 -4.25 33.84 1.54
C ALA C 55 -4.72 33.14 0.27
N LEU C 56 -5.65 32.20 0.42
CA LEU C 56 -6.14 31.45 -0.72
C LEU C 56 -7.00 32.27 -1.69
N ALA C 57 -7.35 33.49 -1.30
CA ALA C 57 -8.14 34.36 -2.16
C ALA C 57 -7.22 35.39 -2.80
N ASP C 58 -5.99 35.47 -2.29
CA ASP C 58 -5.00 36.42 -2.80
C ASP C 58 -4.34 35.91 -4.08
N PRO C 59 -4.52 36.63 -5.20
CA PRO C 59 -3.94 36.26 -6.49
C PRO C 59 -2.43 36.04 -6.47
N GLN C 60 -1.71 36.89 -5.74
CA GLN C 60 -0.27 36.77 -5.65
C GLN C 60 0.16 35.51 -4.90
N PHE C 61 -0.52 35.20 -3.80
CA PHE C 61 -0.19 34.01 -3.03
C PHE C 61 -0.48 32.77 -3.84
N VAL C 62 -1.63 32.74 -4.52
CA VAL C 62 -2.00 31.59 -5.32
C VAL C 62 -0.97 31.40 -6.44
N ALA C 63 -0.57 32.49 -7.08
CA ALA C 63 0.41 32.40 -8.14
C ALA C 63 1.72 31.85 -7.59
N TRP C 64 2.09 32.29 -6.39
CA TRP C 64 3.32 31.83 -5.74
C TRP C 64 3.27 30.32 -5.50
N LEU C 65 2.11 29.85 -5.03
CA LEU C 65 1.91 28.43 -4.77
C LEU C 65 2.11 27.59 -6.05
N GLY C 66 1.59 28.08 -7.16
CA GLY C 66 1.70 27.36 -8.42
C GLY C 66 2.95 27.60 -9.24
N ASP C 67 3.86 28.44 -8.74
CA ASP C 67 5.10 28.74 -9.45
C ASP C 67 6.17 27.72 -9.10
N GLU C 68 6.51 26.87 -10.08
CA GLU C 68 7.51 25.82 -9.89
C GLU C 68 8.90 26.35 -9.51
N THR C 69 9.18 27.61 -9.85
CA THR C 69 10.49 28.18 -9.53
C THR C 69 10.58 28.69 -8.09
N LYS C 70 9.44 28.73 -7.41
CA LYS C 70 9.40 29.16 -6.02
C LYS C 70 9.40 27.84 -5.25
N LYS C 71 10.54 27.51 -4.66
CA LYS C 71 10.70 26.26 -3.94
C LYS C 71 10.14 26.24 -2.52
N LYS C 72 9.43 25.17 -2.20
CA LYS C 72 8.85 25.00 -0.89
C LYS C 72 9.29 23.70 -0.24
N SER C 73 9.52 23.76 1.06
CA SER C 73 9.88 22.58 1.85
C SER C 73 8.66 22.35 2.73
N MET C 74 8.16 21.12 2.76
CA MET C 74 6.96 20.79 3.52
C MET C 74 7.05 19.43 4.18
N PHE C 75 5.96 19.05 4.85
CA PHE C 75 5.83 17.74 5.48
C PHE C 75 4.47 17.23 4.99
N ASP C 76 4.49 16.12 4.26
CA ASP C 76 3.27 15.52 3.69
C ASP C 76 2.67 16.48 2.69
N SER C 77 3.43 16.78 1.65
CA SER C 77 2.98 17.70 0.60
C SER C 77 1.79 17.18 -0.18
N LYS C 78 1.64 15.85 -0.25
CA LYS C 78 0.50 15.27 -0.98
C LYS C 78 -0.82 15.73 -0.33
N ARG C 79 -0.84 15.72 1.01
CA ARG C 79 -2.02 16.14 1.76
C ARG C 79 -2.42 17.57 1.36
N ALA C 80 -1.45 18.46 1.34
CA ALA C 80 -1.69 19.85 0.99
C ALA C 80 -2.08 19.98 -0.49
N ALA C 81 -1.37 19.27 -1.35
CA ALA C 81 -1.65 19.33 -2.79
C ALA C 81 -3.07 18.88 -3.11
N VAL C 82 -3.49 17.79 -2.51
CA VAL C 82 -4.84 17.28 -2.76
C VAL C 82 -5.90 18.22 -2.19
N ALA C 83 -5.72 18.69 -0.97
CA ALA C 83 -6.69 19.60 -0.38
C ALA C 83 -6.82 20.85 -1.25
N LEU C 84 -5.70 21.31 -1.81
CA LEU C 84 -5.71 22.49 -2.67
C LEU C 84 -6.36 22.18 -4.03
N LYS C 85 -6.14 20.97 -4.54
CA LYS C 85 -6.74 20.57 -5.80
C LYS C 85 -8.26 20.67 -5.71
N TRP C 86 -8.79 20.28 -4.55
CA TRP C 86 -10.24 20.33 -4.35
C TRP C 86 -10.74 21.77 -4.34
N LYS C 87 -9.83 22.72 -4.13
CA LYS C 87 -10.17 24.14 -4.11
C LYS C 87 -9.79 24.81 -5.43
N GLY C 88 -9.36 24.00 -6.39
CA GLY C 88 -8.98 24.52 -7.70
C GLY C 88 -7.65 25.26 -7.69
N ILE C 89 -6.79 24.95 -6.72
CA ILE C 89 -5.49 25.60 -6.61
C ILE C 89 -4.34 24.61 -6.81
N GLU C 90 -3.40 24.97 -7.66
CA GLU C 90 -2.25 24.11 -7.95
C GLU C 90 -1.05 24.42 -7.05
N LEU C 91 -0.43 23.36 -6.53
CA LEU C 91 0.76 23.50 -5.68
C LEU C 91 1.94 22.93 -6.46
N CYS C 92 2.93 23.79 -6.73
CA CYS C 92 4.12 23.36 -7.47
C CYS C 92 5.39 23.78 -6.72
N GLY C 93 6.52 23.27 -7.19
CA GLY C 93 7.79 23.64 -6.58
C GLY C 93 8.16 23.03 -5.23
N VAL C 94 7.52 21.94 -4.85
CA VAL C 94 7.86 21.31 -3.58
C VAL C 94 9.17 20.56 -3.82
N SER C 95 10.27 21.10 -3.28
CA SER C 95 11.58 20.49 -3.48
C SER C 95 12.03 19.57 -2.36
N PHE C 96 11.33 19.61 -1.22
CA PHE C 96 11.68 18.77 -0.09
C PHE C 96 10.45 18.43 0.75
N ASP C 97 10.25 17.14 0.99
CA ASP C 97 9.14 16.68 1.80
C ASP C 97 9.73 15.93 3.00
N LEU C 98 9.64 16.54 4.18
CA LEU C 98 10.20 15.96 5.38
C LEU C 98 9.61 14.60 5.75
N LEU C 99 8.34 14.37 5.43
CA LEU C 99 7.72 13.09 5.74
C LEU C 99 8.40 11.99 4.96
N LEU C 100 8.57 12.20 3.66
CA LEU C 100 9.21 11.21 2.80
C LEU C 100 10.69 11.05 3.14
N ALA C 101 11.35 12.14 3.52
CA ALA C 101 12.76 12.08 3.88
C ALA C 101 12.95 11.20 5.12
N ALA C 102 12.13 11.43 6.14
CA ALA C 102 12.20 10.65 7.37
C ALA C 102 11.89 9.19 7.08
N TYR C 103 10.88 8.98 6.25
CA TYR C 103 10.46 7.63 5.87
C TYR C 103 11.62 6.85 5.24
N LEU C 104 12.34 7.49 4.33
CA LEU C 104 13.46 6.82 3.67
C LEU C 104 14.61 6.57 4.63
N LEU C 105 14.87 7.50 5.54
CA LEU C 105 15.96 7.33 6.50
C LEU C 105 15.73 6.16 7.44
N ASP C 106 14.48 5.96 7.86
CA ASP C 106 14.15 4.84 8.72
C ASP C 106 12.65 4.65 8.78
N PRO C 107 12.11 3.78 7.91
CA PRO C 107 10.68 3.50 7.86
C PRO C 107 10.11 2.87 9.12
N ALA C 108 10.98 2.33 9.97
CA ALA C 108 10.53 1.68 11.20
C ALA C 108 10.15 2.67 12.30
N GLN C 109 10.58 3.93 12.16
CA GLN C 109 10.27 4.92 13.18
C GLN C 109 8.81 5.33 13.20
N GLY C 110 8.09 5.01 12.12
CA GLY C 110 6.68 5.35 12.05
C GLY C 110 6.38 6.83 12.17
N VAL C 111 7.28 7.67 11.65
CA VAL C 111 7.11 9.11 11.69
C VAL C 111 5.81 9.54 11.02
N ASP C 112 4.90 10.13 11.80
CA ASP C 112 3.63 10.59 11.26
C ASP C 112 3.33 12.08 11.49
N ASP C 113 4.29 12.81 12.04
CA ASP C 113 4.12 14.24 12.21
C ASP C 113 5.48 14.92 12.28
N VAL C 114 5.50 16.23 12.11
CA VAL C 114 6.76 16.98 12.14
C VAL C 114 7.56 16.73 13.42
N ALA C 115 6.87 16.73 14.56
CA ALA C 115 7.56 16.50 15.83
C ALA C 115 8.35 15.20 15.84
N ALA C 116 7.75 14.14 15.30
CA ALA C 116 8.43 12.84 15.28
C ALA C 116 9.67 12.85 14.39
N ALA C 117 9.58 13.53 13.25
CA ALA C 117 10.72 13.60 12.34
C ALA C 117 11.81 14.44 12.98
N ALA C 118 11.41 15.55 13.60
CA ALA C 118 12.33 16.46 14.26
C ALA C 118 13.10 15.80 15.39
N LYS C 119 12.45 14.91 16.11
CA LYS C 119 13.10 14.23 17.23
C LYS C 119 14.26 13.35 16.76
N MET C 120 14.25 12.98 15.47
CA MET C 120 15.32 12.15 14.89
C MET C 120 16.64 12.91 14.91
N LYS C 121 16.55 14.25 14.90
CA LYS C 121 17.74 15.09 14.89
C LYS C 121 17.84 15.95 16.15
N GLN C 122 17.28 15.43 17.24
CA GLN C 122 17.31 16.11 18.54
C GLN C 122 16.74 17.53 18.52
N TYR C 123 15.71 17.73 17.71
CA TYR C 123 15.02 19.01 17.62
C TYR C 123 13.67 18.78 18.27
N GLU C 124 13.39 19.51 19.34
CA GLU C 124 12.14 19.32 20.04
C GLU C 124 11.35 20.59 20.33
N ALA C 125 11.65 21.65 19.58
CA ALA C 125 10.96 22.92 19.76
C ALA C 125 9.69 22.98 18.91
N VAL C 126 8.95 21.88 18.92
CA VAL C 126 7.71 21.77 18.16
C VAL C 126 6.90 20.67 18.84
N ARG C 127 5.59 20.87 18.95
CA ARG C 127 4.72 19.90 19.61
C ARG C 127 4.15 18.84 18.66
N PRO C 128 3.85 17.65 19.18
CA PRO C 128 3.28 16.60 18.33
C PRO C 128 1.87 17.09 17.97
N ASP C 129 1.39 16.74 16.77
CA ASP C 129 0.05 17.18 16.37
C ASP C 129 -1.03 16.73 17.35
N GLU C 130 -0.93 15.50 17.84
CA GLU C 130 -1.91 14.97 18.76
C GLU C 130 -2.01 15.80 20.04
N ALA C 131 -0.88 16.35 20.48
CA ALA C 131 -0.87 17.16 21.69
C ALA C 131 -1.64 18.46 21.47
N VAL C 132 -1.61 18.96 20.24
CA VAL C 132 -2.29 20.21 19.91
C VAL C 132 -3.77 20.03 19.56
N TYR C 133 -4.06 19.04 18.74
CA TYR C 133 -5.42 18.79 18.29
C TYR C 133 -6.21 17.77 19.11
N GLY C 134 -5.50 16.95 19.89
CA GLY C 134 -6.18 15.94 20.69
C GLY C 134 -6.46 14.74 19.81
N LYS C 135 -7.18 13.75 20.34
CA LYS C 135 -7.50 12.55 19.57
C LYS C 135 -8.97 12.14 19.65
N GLY C 136 -9.40 11.35 18.67
CA GLY C 136 -10.77 10.87 18.63
C GLY C 136 -11.84 11.93 18.77
N ALA C 137 -12.85 11.64 19.58
CA ALA C 137 -13.96 12.56 19.80
C ALA C 137 -13.52 13.88 20.40
N LYS C 138 -12.34 13.90 21.01
CA LYS C 138 -11.82 15.11 21.64
C LYS C 138 -11.05 15.98 20.66
N ARG C 139 -10.83 15.47 19.46
CA ARG C 139 -10.10 16.19 18.42
C ARG C 139 -10.78 17.51 18.09
N ALA C 140 -9.99 18.56 17.91
CA ALA C 140 -10.53 19.87 17.58
C ALA C 140 -9.43 20.88 17.29
N VAL C 141 -9.74 21.85 16.44
CA VAL C 141 -8.79 22.90 16.09
C VAL C 141 -8.81 23.93 17.21
N PRO C 142 -7.65 24.23 17.81
CA PRO C 142 -7.55 25.20 18.89
C PRO C 142 -7.71 26.65 18.44
N ASP C 143 -7.86 27.56 19.40
CA ASP C 143 -8.01 28.98 19.10
C ASP C 143 -6.82 29.43 18.25
N GLU C 144 -7.03 30.49 17.48
CA GLU C 144 -6.00 31.02 16.59
C GLU C 144 -4.59 31.18 17.17
N PRO C 145 -4.48 31.78 18.37
CA PRO C 145 -3.15 31.95 18.97
C PRO C 145 -2.39 30.65 19.11
N VAL C 146 -3.08 29.60 19.55
CA VAL C 146 -2.45 28.30 19.74
C VAL C 146 -2.18 27.63 18.40
N LEU C 147 -3.15 27.72 17.49
CA LEU C 147 -3.01 27.13 16.17
C LEU C 147 -1.86 27.76 15.40
N ALA C 148 -1.82 29.09 15.41
CA ALA C 148 -0.78 29.83 14.70
C ALA C 148 0.62 29.51 15.19
N GLU C 149 0.82 29.45 16.50
CA GLU C 149 2.14 29.14 17.01
C GLU C 149 2.57 27.74 16.60
N HIS C 150 1.62 26.81 16.61
CA HIS C 150 1.94 25.44 16.24
C HIS C 150 2.36 25.34 14.78
N LEU C 151 1.61 25.96 13.89
CA LEU C 151 1.93 25.90 12.47
C LEU C 151 3.27 26.58 12.18
N VAL C 152 3.55 27.67 12.88
CA VAL C 152 4.81 28.36 12.68
C VAL C 152 5.96 27.50 13.18
N ARG C 153 5.76 26.84 14.32
CA ARG C 153 6.80 25.98 14.86
C ARG C 153 7.05 24.79 13.93
N LYS C 154 6.01 24.29 13.27
CA LYS C 154 6.22 23.17 12.36
C LYS C 154 6.99 23.66 11.13
N ALA C 155 6.66 24.87 10.66
CA ALA C 155 7.34 25.44 9.51
C ALA C 155 8.81 25.69 9.86
N ALA C 156 9.05 26.21 11.07
CA ALA C 156 10.41 26.50 11.52
C ALA C 156 11.22 25.22 11.60
N ALA C 157 10.60 24.15 12.09
CA ALA C 157 11.29 22.86 12.20
C ALA C 157 11.69 22.38 10.81
N ILE C 158 10.75 22.45 9.86
CA ILE C 158 11.02 22.03 8.50
C ILE C 158 12.16 22.84 7.92
N TRP C 159 12.14 24.15 8.15
CA TRP C 159 13.16 25.05 7.65
C TRP C 159 14.56 24.69 8.14
N GLU C 160 14.64 24.30 9.42
CA GLU C 160 15.91 23.94 10.05
C GLU C 160 16.40 22.54 9.72
N LEU C 161 15.46 21.60 9.63
CA LEU C 161 15.78 20.20 9.39
C LEU C 161 16.08 19.75 7.96
N GLU C 162 15.74 20.56 6.97
CA GLU C 162 15.98 20.19 5.59
C GLU C 162 17.43 19.77 5.34
N ARG C 163 18.36 20.64 5.72
CA ARG C 163 19.78 20.34 5.50
C ARG C 163 20.26 19.05 6.16
N PRO C 164 20.06 18.90 7.48
CA PRO C 164 20.53 17.65 8.11
C PRO C 164 19.90 16.38 7.52
N PHE C 165 18.63 16.47 7.12
CA PHE C 165 18.00 15.29 6.52
C PHE C 165 18.59 15.01 5.15
N LEU C 166 18.77 16.04 4.34
CA LEU C 166 19.35 15.85 3.01
C LEU C 166 20.78 15.33 3.14
N ASP C 167 21.52 15.82 4.12
CA ASP C 167 22.89 15.37 4.32
C ASP C 167 22.96 13.88 4.64
N GLU C 168 22.06 13.39 5.50
CA GLU C 168 22.09 11.98 5.84
C GLU C 168 21.62 11.13 4.67
N LEU C 169 20.61 11.60 3.95
CA LEU C 169 20.13 10.86 2.79
C LEU C 169 21.29 10.70 1.80
N ARG C 170 22.05 11.77 1.61
CA ARG C 170 23.19 11.73 0.68
C ARG C 170 24.22 10.71 1.15
N ARG C 171 24.49 10.71 2.46
CA ARG C 171 25.46 9.79 3.05
C ARG C 171 24.99 8.35 2.80
N ASN C 172 23.69 8.13 2.83
CA ASN C 172 23.09 6.81 2.61
C ASN C 172 22.91 6.50 1.12
N GLU C 173 23.28 7.44 0.26
CA GLU C 173 23.10 7.29 -1.19
C GLU C 173 21.62 7.16 -1.50
N GLN C 174 20.81 7.93 -0.77
CA GLN C 174 19.37 7.94 -0.95
C GLN C 174 18.84 9.29 -1.42
N ASP C 175 19.74 10.21 -1.75
CA ASP C 175 19.29 11.53 -2.18
C ASP C 175 18.45 11.45 -3.46
N ARG C 176 18.87 10.65 -4.43
CA ARG C 176 18.11 10.52 -5.68
C ARG C 176 16.81 9.78 -5.42
N LEU C 177 16.85 8.83 -4.49
CA LEU C 177 15.64 8.07 -4.15
C LEU C 177 14.55 9.05 -3.73
N LEU C 178 14.92 10.05 -2.94
CA LEU C 178 13.94 11.05 -2.50
C LEU C 178 13.51 12.00 -3.62
N VAL C 179 14.48 12.67 -4.22
CA VAL C 179 14.22 13.66 -5.26
C VAL C 179 13.76 13.18 -6.63
N GLU C 180 14.22 12.00 -7.04
CA GLU C 180 13.87 11.47 -8.35
C GLU C 180 12.79 10.40 -8.35
N LEU C 181 12.50 9.80 -7.18
CA LEU C 181 11.47 8.77 -7.12
C LEU C 181 10.31 9.12 -6.18
N GLU C 182 10.55 9.16 -4.88
CA GLU C 182 9.44 9.41 -3.95
C GLU C 182 8.73 10.75 -4.10
N GLN C 183 9.46 11.86 -4.22
CA GLN C 183 8.78 13.13 -4.36
C GLN C 183 8.00 13.25 -5.66
N PRO C 184 8.57 12.81 -6.79
CA PRO C 184 7.76 12.93 -8.03
C PRO C 184 6.55 12.01 -7.95
N LEU C 185 6.72 10.85 -7.31
CA LEU C 185 5.63 9.89 -7.19
C LEU C 185 4.51 10.50 -6.34
N SER C 186 4.90 11.26 -5.32
CA SER C 186 3.91 11.89 -4.46
C SER C 186 2.91 12.72 -5.26
N SER C 187 3.43 13.48 -6.23
CA SER C 187 2.56 14.31 -7.08
C SER C 187 1.63 13.45 -7.95
N ILE C 188 2.14 12.32 -8.41
CA ILE C 188 1.36 11.42 -9.24
C ILE C 188 0.25 10.78 -8.41
N LEU C 189 0.58 10.42 -7.16
CA LEU C 189 -0.43 9.82 -6.28
C LEU C 189 -1.52 10.85 -5.98
N ALA C 190 -1.11 12.10 -5.82
CA ALA C 190 -2.07 13.18 -5.55
C ALA C 190 -3.09 13.25 -6.69
N GLU C 191 -2.60 13.18 -7.93
CA GLU C 191 -3.49 13.23 -9.07
C GLU C 191 -4.45 12.05 -9.09
N MET C 192 -3.91 10.85 -8.82
CA MET C 192 -4.72 9.63 -8.82
C MET C 192 -5.84 9.70 -7.78
N GLU C 193 -5.48 10.10 -6.57
CA GLU C 193 -6.44 10.21 -5.47
C GLU C 193 -7.52 11.22 -5.79
N PHE C 194 -7.10 12.38 -6.28
CA PHE C 194 -8.03 13.43 -6.64
C PHE C 194 -8.96 13.01 -7.77
N ALA C 195 -8.43 12.29 -8.76
CA ALA C 195 -9.25 11.83 -9.87
C ALA C 195 -10.33 10.90 -9.35
N GLY C 196 -9.93 9.96 -8.49
CA GLY C 196 -10.88 9.01 -7.91
C GLY C 196 -11.30 7.95 -8.90
N VAL C 197 -12.10 7.00 -8.44
CA VAL C 197 -12.60 5.93 -9.31
C VAL C 197 -14.11 5.94 -9.24
N LYS C 198 -14.76 5.97 -10.41
CA LYS C 198 -16.21 5.99 -10.49
C LYS C 198 -16.80 4.64 -10.08
N VAL C 199 -17.88 4.68 -9.29
CA VAL C 199 -18.54 3.47 -8.82
C VAL C 199 -19.99 3.39 -9.27
N ASP C 200 -20.39 2.20 -9.71
CA ASP C 200 -21.77 1.95 -10.14
C ASP C 200 -22.49 1.60 -8.86
N THR C 201 -22.99 2.62 -8.16
CA THR C 201 -23.68 2.41 -6.89
C THR C 201 -24.95 1.58 -7.02
N LYS C 202 -25.67 1.74 -8.11
CA LYS C 202 -26.90 0.97 -8.31
C LYS C 202 -26.55 -0.51 -8.35
N ARG C 203 -25.45 -0.85 -9.02
CA ARG C 203 -25.02 -2.23 -9.11
C ARG C 203 -24.71 -2.77 -7.71
N LEU C 204 -23.94 -2.01 -6.94
CA LEU C 204 -23.60 -2.42 -5.60
C LEU C 204 -24.84 -2.64 -4.74
N GLU C 205 -25.79 -1.71 -4.82
CA GLU C 205 -27.02 -1.82 -4.05
C GLU C 205 -27.82 -3.04 -4.46
N GLN C 206 -27.75 -3.39 -5.74
CA GLN C 206 -28.46 -4.57 -6.25
C GLN C 206 -27.85 -5.81 -5.59
N MET C 207 -26.52 -5.91 -5.67
CA MET C 207 -25.81 -7.05 -5.08
C MET C 207 -26.11 -7.11 -3.60
N GLY C 208 -26.09 -5.94 -2.96
CA GLY C 208 -26.36 -5.87 -1.54
C GLY C 208 -27.70 -6.47 -1.16
N LYS C 209 -28.73 -6.21 -1.98
CA LYS C 209 -30.05 -6.75 -1.69
C LYS C 209 -30.07 -8.26 -1.84
N GLU C 210 -29.43 -8.76 -2.88
CA GLU C 210 -29.37 -10.19 -3.14
C GLU C 210 -28.60 -10.91 -2.02
N LEU C 211 -27.57 -10.26 -1.50
CA LEU C 211 -26.77 -10.83 -0.42
C LEU C 211 -27.59 -10.92 0.86
N ALA C 212 -28.33 -9.84 1.14
CA ALA C 212 -29.17 -9.79 2.33
C ALA C 212 -30.16 -10.95 2.33
N GLU C 213 -30.71 -11.25 1.17
CA GLU C 213 -31.67 -12.34 1.04
C GLU C 213 -30.97 -13.67 1.31
N GLN C 214 -29.82 -13.85 0.69
CA GLN C 214 -29.06 -15.08 0.86
C GLN C 214 -28.57 -15.25 2.30
N LEU C 215 -28.17 -14.14 2.92
CA LEU C 215 -27.70 -14.19 4.29
C LEU C 215 -28.84 -14.61 5.22
N GLY C 216 -30.02 -14.03 5.01
CA GLY C 216 -31.17 -14.38 5.83
C GLY C 216 -31.48 -15.85 5.75
N THR C 217 -31.44 -16.41 4.55
CA THR C 217 -31.73 -17.81 4.33
C THR C 217 -30.71 -18.73 5.02
N VAL C 218 -29.42 -18.44 4.82
CA VAL C 218 -28.38 -19.26 5.44
C VAL C 218 -28.38 -19.08 6.97
N GLU C 219 -28.66 -17.85 7.41
CA GLU C 219 -28.69 -17.55 8.84
C GLU C 219 -29.75 -18.41 9.53
N GLN C 220 -30.91 -18.52 8.92
CA GLN C 220 -32.00 -19.31 9.48
C GLN C 220 -31.67 -20.80 9.49
N ARG C 221 -31.01 -21.27 8.42
CA ARG C 221 -30.63 -22.66 8.32
C ARG C 221 -29.66 -23.00 9.46
N ILE C 222 -28.77 -22.07 9.75
CA ILE C 222 -27.79 -22.25 10.81
C ILE C 222 -28.47 -22.41 12.17
N TYR C 223 -29.45 -21.55 12.46
CA TYR C 223 -30.16 -21.63 13.74
C TYR C 223 -30.96 -22.93 13.77
N GLU C 224 -31.47 -23.34 12.62
CA GLU C 224 -32.25 -24.56 12.52
C GLU C 224 -31.37 -25.77 12.87
N LEU C 225 -30.19 -25.81 12.27
CA LEU C 225 -29.24 -26.90 12.48
C LEU C 225 -28.62 -26.84 13.87
N ALA C 226 -28.54 -25.64 14.43
CA ALA C 226 -27.96 -25.45 15.75
C ALA C 226 -28.99 -25.72 16.84
N GLY C 227 -30.26 -25.59 16.50
CA GLY C 227 -31.31 -25.81 17.46
C GLY C 227 -31.52 -24.62 18.39
N GLN C 228 -31.15 -23.44 17.90
CA GLN C 228 -31.30 -22.21 18.67
C GLN C 228 -30.62 -21.06 17.95
N GLU C 229 -31.04 -19.84 18.26
CA GLU C 229 -30.46 -18.66 17.64
C GLU C 229 -29.28 -18.19 18.48
N PHE C 230 -28.27 -17.63 17.82
CA PHE C 230 -27.09 -17.12 18.51
C PHE C 230 -26.36 -16.18 17.56
N ASN C 231 -25.42 -15.42 18.09
CA ASN C 231 -24.66 -14.50 17.26
C ASN C 231 -23.58 -15.27 16.52
N ILE C 232 -23.83 -15.57 15.25
CA ILE C 232 -22.90 -16.32 14.43
C ILE C 232 -21.54 -15.62 14.31
N ASN C 233 -21.56 -14.29 14.35
CA ASN C 233 -20.33 -13.50 14.24
C ASN C 233 -19.56 -13.41 15.55
N SER C 234 -19.98 -14.18 16.53
CA SER C 234 -19.31 -14.20 17.83
C SER C 234 -18.58 -15.52 18.03
N PRO C 235 -17.24 -15.51 17.84
CA PRO C 235 -16.46 -16.73 18.01
C PRO C 235 -16.77 -17.45 19.32
N LYS C 236 -17.06 -16.69 20.37
CA LYS C 236 -17.38 -17.26 21.67
C LYS C 236 -18.72 -18.00 21.63
N GLN C 237 -19.75 -17.34 21.11
CA GLN C 237 -21.06 -17.96 21.02
C GLN C 237 -21.06 -19.10 20.03
N LEU C 238 -20.35 -18.94 18.92
CA LEU C 238 -20.25 -19.97 17.90
C LEU C 238 -19.48 -21.15 18.46
N GLY C 239 -18.38 -20.86 19.17
CA GLY C 239 -17.57 -21.90 19.76
C GLY C 239 -18.38 -22.80 20.67
N VAL C 240 -19.31 -22.21 21.42
CA VAL C 240 -20.16 -22.98 22.32
C VAL C 240 -21.05 -23.92 21.54
N ILE C 241 -21.64 -23.41 20.46
CA ILE C 241 -22.52 -24.22 19.63
C ILE C 241 -21.78 -25.40 19.01
N LEU C 242 -20.63 -25.11 18.40
CA LEU C 242 -19.83 -26.12 17.72
C LEU C 242 -19.12 -27.14 18.62
N PHE C 243 -18.39 -26.65 19.61
CA PHE C 243 -17.60 -27.52 20.48
C PHE C 243 -18.28 -28.03 21.75
N GLU C 244 -19.42 -27.45 22.12
CA GLU C 244 -20.12 -27.91 23.30
C GLU C 244 -21.44 -28.59 22.94
N LYS C 245 -22.36 -27.85 22.33
CA LYS C 245 -23.65 -28.42 21.96
C LYS C 245 -23.53 -29.50 20.90
N LEU C 246 -22.69 -29.27 19.89
CA LEU C 246 -22.53 -30.25 18.82
C LEU C 246 -21.36 -31.21 19.00
N GLN C 247 -20.52 -30.95 19.99
CA GLN C 247 -19.38 -31.81 20.30
C GLN C 247 -18.30 -31.97 19.23
N LEU C 248 -18.17 -30.99 18.34
CA LEU C 248 -17.14 -31.10 17.31
C LEU C 248 -15.77 -31.06 17.98
N PRO C 249 -14.77 -31.76 17.41
CA PRO C 249 -13.44 -31.76 18.00
C PRO C 249 -12.70 -30.43 17.90
N VAL C 250 -11.91 -30.12 18.92
CA VAL C 250 -11.13 -28.88 18.95
C VAL C 250 -9.77 -29.16 18.34
N LEU C 251 -9.56 -28.67 17.12
CA LEU C 251 -8.30 -28.89 16.41
C LEU C 251 -7.29 -27.78 16.63
N LYS C 252 -7.78 -26.58 16.91
CA LYS C 252 -6.91 -25.43 17.13
C LYS C 252 -7.50 -24.49 18.16
N LYS C 253 -6.63 -23.92 18.99
CA LYS C 253 -7.05 -22.99 20.03
C LYS C 253 -6.46 -21.61 19.78
N THR C 254 -7.06 -20.60 20.42
CA THR C 254 -6.60 -19.23 20.30
C THR C 254 -6.43 -18.70 21.72
N LYS C 255 -5.73 -17.58 21.87
CA LYS C 255 -5.52 -16.98 23.18
C LYS C 255 -6.80 -16.96 24.01
N THR C 256 -7.87 -16.48 23.40
CA THR C 256 -9.16 -16.37 24.07
C THR C 256 -9.87 -17.72 24.25
N GLY C 257 -10.01 -18.47 23.16
CA GLY C 257 -10.68 -19.76 23.26
C GLY C 257 -10.52 -20.68 22.06
N TYR C 258 -11.63 -21.22 21.58
CA TYR C 258 -11.61 -22.13 20.44
C TYR C 258 -11.58 -21.37 19.12
N SER C 259 -10.73 -21.83 18.20
CA SER C 259 -10.62 -21.20 16.90
C SER C 259 -11.77 -21.66 16.00
N THR C 260 -12.34 -20.73 15.26
CA THR C 260 -13.43 -21.03 14.34
C THR C 260 -13.10 -20.46 12.98
N SER C 261 -11.80 -20.29 12.71
CA SER C 261 -11.35 -19.76 11.44
C SER C 261 -11.72 -20.72 10.31
N ALA C 262 -11.86 -20.18 9.10
CA ALA C 262 -12.21 -20.97 7.93
C ALA C 262 -11.37 -22.23 7.79
N ASP C 263 -10.07 -22.12 8.08
CA ASP C 263 -9.18 -23.26 7.97
C ASP C 263 -9.62 -24.41 8.89
N VAL C 264 -10.00 -24.05 10.11
CA VAL C 264 -10.46 -25.05 11.08
C VAL C 264 -11.83 -25.60 10.68
N LEU C 265 -12.70 -24.71 10.22
CA LEU C 265 -14.04 -25.13 9.80
C LEU C 265 -14.02 -26.13 8.66
N GLU C 266 -13.13 -25.90 7.69
CA GLU C 266 -13.02 -26.80 6.55
C GLU C 266 -12.81 -28.24 7.00
N LYS C 267 -11.95 -28.40 8.00
CA LYS C 267 -11.63 -29.71 8.54
C LYS C 267 -12.78 -30.34 9.34
N LEU C 268 -13.66 -29.51 9.86
CA LEU C 268 -14.79 -30.01 10.65
C LEU C 268 -16.05 -30.28 9.83
N ALA C 269 -16.08 -29.80 8.59
CA ALA C 269 -17.25 -29.96 7.74
C ALA C 269 -17.86 -31.37 7.69
N PRO C 270 -17.02 -32.41 7.58
CA PRO C 270 -17.53 -33.79 7.53
C PRO C 270 -18.36 -34.22 8.74
N TYR C 271 -18.13 -33.59 9.88
CA TYR C 271 -18.83 -33.94 11.11
C TYR C 271 -20.25 -33.44 11.25
N HIS C 272 -20.57 -32.28 10.69
CA HIS C 272 -21.91 -31.74 10.84
C HIS C 272 -22.26 -30.75 9.73
N GLU C 273 -23.50 -30.81 9.27
CA GLU C 273 -23.97 -29.95 8.17
C GLU C 273 -23.94 -28.46 8.48
N ILE C 274 -23.97 -28.10 9.76
CA ILE C 274 -23.96 -26.70 10.13
C ILE C 274 -22.66 -26.01 9.71
N VAL C 275 -21.57 -26.76 9.67
CA VAL C 275 -20.27 -26.19 9.32
C VAL C 275 -20.19 -25.54 7.95
N GLU C 276 -20.66 -26.23 6.91
CA GLU C 276 -20.62 -25.67 5.56
C GLU C 276 -21.44 -24.39 5.50
N ASN C 277 -22.53 -24.34 6.26
CA ASN C 277 -23.39 -23.16 6.28
C ASN C 277 -22.70 -21.98 6.96
N ILE C 278 -21.94 -22.26 8.02
CA ILE C 278 -21.22 -21.21 8.73
C ILE C 278 -20.20 -20.60 7.77
N LEU C 279 -19.52 -21.45 7.01
CA LEU C 279 -18.52 -21.00 6.05
C LEU C 279 -19.18 -20.12 4.99
N HIS C 280 -20.33 -20.57 4.49
CA HIS C 280 -21.07 -19.83 3.48
C HIS C 280 -21.54 -18.50 4.04
N TYR C 281 -21.96 -18.50 5.31
CA TYR C 281 -22.42 -17.30 5.98
C TYR C 281 -21.27 -16.30 6.11
N ARG C 282 -20.11 -16.80 6.49
CA ARG C 282 -18.90 -15.97 6.65
C ARG C 282 -18.54 -15.28 5.34
N GLN C 283 -18.61 -16.03 4.25
CA GLN C 283 -18.28 -15.52 2.93
C GLN C 283 -19.23 -14.41 2.50
N LEU C 284 -20.53 -14.66 2.61
CA LEU C 284 -21.53 -13.67 2.23
C LEU C 284 -21.42 -12.43 3.12
N GLY C 285 -21.25 -12.68 4.42
CA GLY C 285 -21.13 -11.58 5.37
C GLY C 285 -19.93 -10.71 5.09
N LYS C 286 -18.83 -11.33 4.69
CA LYS C 286 -17.61 -10.59 4.38
C LYS C 286 -17.87 -9.63 3.23
N LEU C 287 -18.48 -10.14 2.16
CA LEU C 287 -18.78 -9.31 1.00
C LEU C 287 -19.75 -8.20 1.34
N GLN C 288 -20.80 -8.53 2.08
CA GLN C 288 -21.81 -7.54 2.47
C GLN C 288 -21.29 -6.41 3.36
N SER C 289 -20.71 -6.79 4.51
CA SER C 289 -20.22 -5.82 5.48
C SER C 289 -18.98 -5.03 5.05
N THR C 290 -17.94 -5.73 4.63
CA THR C 290 -16.70 -5.06 4.25
C THR C 290 -16.69 -4.39 2.89
N TYR C 291 -17.19 -5.07 1.88
CA TYR C 291 -17.17 -4.51 0.55
C TYR C 291 -18.41 -3.71 0.11
N ILE C 292 -19.58 -4.34 0.06
CA ILE C 292 -20.77 -3.61 -0.35
C ILE C 292 -21.05 -2.42 0.56
N GLU C 293 -21.36 -2.68 1.82
CA GLU C 293 -21.63 -1.61 2.77
C GLU C 293 -20.43 -0.67 2.92
N GLY C 294 -19.24 -1.26 2.98
CA GLY C 294 -18.02 -0.47 3.13
C GLY C 294 -17.80 0.54 2.02
N LEU C 295 -17.94 0.10 0.77
CA LEU C 295 -17.73 1.00 -0.37
C LEU C 295 -18.81 2.07 -0.44
N LEU C 296 -20.07 1.66 -0.25
CA LEU C 296 -21.17 2.61 -0.31
C LEU C 296 -21.03 3.71 0.74
N LYS C 297 -20.38 3.40 1.86
CA LYS C 297 -20.19 4.38 2.92
C LYS C 297 -19.22 5.49 2.57
N VAL C 298 -18.24 5.19 1.72
CA VAL C 298 -17.23 6.20 1.37
C VAL C 298 -17.35 6.79 -0.03
N VAL C 299 -18.32 6.32 -0.82
CA VAL C 299 -18.53 6.87 -2.15
C VAL C 299 -19.11 8.28 -1.99
N ARG C 300 -18.64 9.22 -2.80
CA ARG C 300 -19.14 10.60 -2.75
C ARG C 300 -20.48 10.58 -3.49
N PRO C 301 -21.58 10.92 -2.81
CA PRO C 301 -22.91 10.92 -3.43
C PRO C 301 -23.12 11.81 -4.64
N ASP C 302 -22.36 12.89 -4.72
CA ASP C 302 -22.53 13.78 -5.85
C ASP C 302 -21.88 13.29 -7.13
N THR C 303 -20.67 12.74 -7.04
CA THR C 303 -19.96 12.25 -8.21
C THR C 303 -19.94 10.73 -8.34
N LYS C 304 -20.36 10.04 -7.29
CA LYS C 304 -20.35 8.59 -7.28
C LYS C 304 -18.94 8.04 -7.40
N LYS C 305 -17.96 8.81 -6.93
CA LYS C 305 -16.56 8.36 -6.97
C LYS C 305 -16.01 8.06 -5.59
N VAL C 306 -15.01 7.19 -5.53
CA VAL C 306 -14.33 6.92 -4.26
C VAL C 306 -12.94 7.52 -4.44
N HIS C 307 -12.45 8.20 -3.42
CA HIS C 307 -11.13 8.83 -3.47
C HIS C 307 -10.27 8.24 -2.36
N THR C 308 -9.52 7.19 -2.69
CA THR C 308 -8.68 6.54 -1.72
C THR C 308 -7.53 7.47 -1.33
N ILE C 309 -6.79 7.09 -0.30
CA ILE C 309 -5.62 7.85 0.12
C ILE C 309 -4.50 6.83 0.19
N PHE C 310 -3.46 7.03 -0.62
CA PHE C 310 -2.33 6.11 -0.62
C PHE C 310 -1.34 6.54 0.45
N ASN C 311 -1.02 5.63 1.39
CA ASN C 311 -0.04 5.97 2.40
C ASN C 311 1.31 5.61 1.79
N GLN C 312 2.08 6.65 1.47
CA GLN C 312 3.39 6.48 0.84
C GLN C 312 4.52 6.38 1.86
N ALA C 313 4.21 6.58 3.12
CA ALA C 313 5.26 6.57 4.15
C ALA C 313 4.97 5.65 5.33
N LEU C 314 4.57 4.42 5.03
CA LEU C 314 4.25 3.48 6.08
C LEU C 314 5.04 2.17 6.10
N THR C 315 4.98 1.41 5.02
CA THR C 315 5.64 0.11 4.94
C THR C 315 7.16 0.11 5.00
N GLN C 316 7.72 -0.97 5.57
CA GLN C 316 9.17 -1.08 5.65
C GLN C 316 9.72 -1.77 4.42
N THR C 317 8.83 -2.11 3.49
CA THR C 317 9.25 -2.75 2.25
C THR C 317 9.28 -1.71 1.14
N GLY C 318 8.53 -0.64 1.31
CA GLY C 318 8.49 0.40 0.29
C GLY C 318 7.23 0.31 -0.55
N ARG C 319 6.36 -0.65 -0.24
CA ARG C 319 5.11 -0.77 -0.98
C ARG C 319 4.15 0.30 -0.49
N LEU C 320 3.16 0.64 -1.30
CA LEU C 320 2.17 1.65 -0.91
C LEU C 320 1.01 0.93 -0.24
N SER C 321 0.27 1.64 0.61
CA SER C 321 -0.93 1.06 1.21
C SER C 321 -2.07 1.98 0.78
N SER C 322 -3.30 1.53 0.98
CA SER C 322 -4.46 2.30 0.55
C SER C 322 -5.56 2.30 1.61
N THR C 323 -6.20 3.44 1.83
CA THR C 323 -7.28 3.51 2.82
C THR C 323 -8.46 4.38 2.41
N GLU C 324 -9.59 4.11 3.05
CA GLU C 324 -10.81 4.89 2.87
C GLU C 324 -11.20 5.26 1.44
N PRO C 325 -11.48 4.28 0.59
CA PRO C 325 -11.47 2.84 0.88
C PRO C 325 -10.14 2.21 0.50
N ASN C 326 -9.88 1.02 1.05
CA ASN C 326 -8.68 0.27 0.70
C ASN C 326 -9.06 -0.41 -0.60
N LEU C 327 -8.39 -0.03 -1.69
CA LEU C 327 -8.70 -0.61 -2.98
C LEU C 327 -7.67 -1.64 -3.42
N GLN C 328 -6.88 -2.12 -2.47
CA GLN C 328 -5.86 -3.10 -2.79
C GLN C 328 -6.25 -4.52 -2.37
N ASN C 329 -7.46 -4.69 -1.86
CA ASN C 329 -7.91 -6.02 -1.47
C ASN C 329 -9.34 -6.34 -1.90
N ILE C 330 -9.75 -5.80 -3.06
CA ILE C 330 -11.08 -6.09 -3.58
C ILE C 330 -10.99 -7.56 -4.05
N PRO C 331 -11.97 -8.39 -3.68
CA PRO C 331 -11.97 -9.81 -4.07
C PRO C 331 -11.78 -10.12 -5.54
N ILE C 332 -11.12 -11.25 -5.81
CA ILE C 332 -10.88 -11.68 -7.17
C ILE C 332 -10.75 -13.21 -7.28
N ARG C 333 -10.32 -13.85 -6.20
CA ARG C 333 -10.14 -15.29 -6.18
C ARG C 333 -11.43 -16.04 -6.51
N LEU C 334 -12.49 -15.77 -5.74
CA LEU C 334 -13.77 -16.42 -5.95
C LEU C 334 -14.68 -15.55 -6.82
N GLU C 335 -15.38 -16.19 -7.76
CA GLU C 335 -16.27 -15.49 -8.68
C GLU C 335 -17.32 -14.63 -7.97
N GLU C 336 -17.89 -15.14 -6.90
CA GLU C 336 -18.91 -14.41 -6.15
C GLU C 336 -18.44 -13.04 -5.69
N GLY C 337 -17.26 -13.00 -5.09
CA GLY C 337 -16.72 -11.73 -4.62
C GLY C 337 -16.13 -10.92 -5.76
N ARG C 338 -15.58 -11.62 -6.75
CA ARG C 338 -14.98 -10.98 -7.91
C ARG C 338 -15.98 -10.06 -8.61
N LYS C 339 -17.25 -10.43 -8.57
CA LYS C 339 -18.30 -9.65 -9.21
C LYS C 339 -18.33 -8.20 -8.71
N ILE C 340 -17.83 -7.98 -7.51
CA ILE C 340 -17.81 -6.64 -6.94
C ILE C 340 -17.07 -5.68 -7.87
N ARG C 341 -16.06 -6.19 -8.56
CA ARG C 341 -15.28 -5.36 -9.48
C ARG C 341 -16.09 -4.80 -10.65
N GLN C 342 -17.29 -5.35 -10.86
CA GLN C 342 -18.13 -4.84 -11.94
C GLN C 342 -18.65 -3.47 -11.56
N ALA C 343 -18.57 -3.14 -10.27
CA ALA C 343 -19.04 -1.85 -9.77
C ALA C 343 -18.05 -0.71 -9.97
N PHE C 344 -16.82 -1.04 -10.37
CA PHE C 344 -15.83 0.01 -10.62
C PHE C 344 -15.83 0.23 -12.12
N VAL C 345 -16.23 1.43 -12.52
CA VAL C 345 -16.37 1.76 -13.93
C VAL C 345 -15.59 2.99 -14.36
N PRO C 346 -15.51 3.25 -15.68
CA PRO C 346 -14.79 4.42 -16.20
C PRO C 346 -15.54 5.68 -15.76
N SER C 347 -14.82 6.78 -15.56
CA SER C 347 -15.43 8.02 -15.11
C SER C 347 -16.10 8.88 -16.19
N GLU C 348 -15.86 8.54 -17.44
CA GLU C 348 -16.45 9.30 -18.54
C GLU C 348 -17.09 8.40 -19.57
N SER C 349 -18.00 8.96 -20.35
CA SER C 349 -18.69 8.20 -21.38
C SER C 349 -17.70 7.74 -22.45
N ASP C 350 -17.85 6.49 -22.87
CA ASP C 350 -17.00 5.92 -23.91
C ASP C 350 -15.54 5.73 -23.52
N TRP C 351 -15.29 5.63 -22.22
CA TRP C 351 -13.94 5.39 -21.70
C TRP C 351 -13.92 3.94 -21.22
N LEU C 352 -12.73 3.39 -21.04
CA LEU C 352 -12.60 1.99 -20.60
C LEU C 352 -11.52 1.88 -19.54
N ILE C 353 -11.55 0.77 -18.79
CA ILE C 353 -10.55 0.50 -17.76
C ILE C 353 -9.45 -0.34 -18.39
N PHE C 354 -8.19 0.05 -18.16
CA PHE C 354 -7.04 -0.68 -18.71
C PHE C 354 -6.15 -1.07 -17.53
N ALA C 355 -5.88 -2.36 -17.38
CA ALA C 355 -5.05 -2.84 -16.28
C ALA C 355 -3.84 -3.61 -16.79
N ALA C 356 -2.69 -3.32 -16.20
CA ALA C 356 -1.45 -4.00 -16.60
C ALA C 356 -0.73 -4.46 -15.34
N ASP C 357 -0.33 -5.73 -15.32
CA ASP C 357 0.35 -6.27 -14.15
C ASP C 357 1.63 -7.01 -14.48
N TYR C 358 2.62 -6.89 -13.60
CA TYR C 358 3.89 -7.59 -13.79
C TYR C 358 3.64 -9.06 -13.52
N SER C 359 4.20 -9.92 -14.37
CA SER C 359 4.08 -11.35 -14.18
C SER C 359 5.27 -11.81 -13.36
N GLN C 360 5.01 -12.29 -12.15
CA GLN C 360 6.04 -12.79 -11.24
C GLN C 360 7.22 -11.83 -11.07
N ILE C 361 6.96 -10.56 -10.82
CA ILE C 361 8.09 -9.64 -10.67
C ILE C 361 8.97 -9.98 -9.47
N GLU C 362 8.39 -10.44 -8.37
CA GLU C 362 9.20 -10.76 -7.19
C GLU C 362 10.20 -11.88 -7.46
N LEU C 363 9.75 -12.97 -8.08
CA LEU C 363 10.68 -14.06 -8.37
C LEU C 363 11.72 -13.66 -9.42
N ARG C 364 11.33 -12.78 -10.34
CA ARG C 364 12.27 -12.32 -11.36
C ARG C 364 13.34 -11.47 -10.69
N VAL C 365 12.93 -10.65 -9.72
CA VAL C 365 13.86 -9.82 -8.96
C VAL C 365 14.82 -10.72 -8.19
N LEU C 366 14.28 -11.79 -7.61
CA LEU C 366 15.11 -12.72 -6.85
C LEU C 366 16.14 -13.36 -7.77
N ALA C 367 15.72 -13.75 -8.96
CA ALA C 367 16.62 -14.37 -9.93
C ALA C 367 17.77 -13.41 -10.21
N HIS C 368 17.42 -12.15 -10.38
CA HIS C 368 18.41 -11.10 -10.65
C HIS C 368 19.39 -10.87 -9.49
N ILE C 369 18.85 -10.63 -8.31
CA ILE C 369 19.68 -10.36 -7.14
C ILE C 369 20.56 -11.54 -6.74
N ALA C 370 19.99 -12.74 -6.77
CA ALA C 370 20.72 -13.95 -6.39
C ALA C 370 21.60 -14.50 -7.50
N GLU C 371 21.36 -14.05 -8.73
CA GLU C 371 22.10 -14.53 -9.89
C GLU C 371 22.09 -16.06 -9.92
N ASP C 372 20.90 -16.63 -9.67
CA ASP C 372 20.74 -18.07 -9.68
C ASP C 372 20.62 -18.52 -11.14
N ASP C 373 21.55 -19.35 -11.59
CA ASP C 373 21.54 -19.80 -12.98
C ASP C 373 20.24 -20.48 -13.41
N ASN C 374 19.76 -21.40 -12.58
CA ASN C 374 18.54 -22.13 -12.90
C ASN C 374 17.32 -21.21 -12.96
N LEU C 375 17.20 -20.33 -11.98
CA LEU C 375 16.06 -19.41 -11.95
C LEU C 375 16.12 -18.40 -13.10
N MET C 376 17.31 -17.88 -13.39
CA MET C 376 17.44 -16.92 -14.48
C MET C 376 17.09 -17.58 -15.80
N GLU C 377 17.56 -18.81 -16.02
CA GLU C 377 17.28 -19.51 -17.27
C GLU C 377 15.77 -19.76 -17.39
N ALA C 378 15.12 -20.12 -16.28
CA ALA C 378 13.68 -20.37 -16.30
C ALA C 378 12.93 -19.15 -16.79
N PHE C 379 13.31 -17.98 -16.31
CA PHE C 379 12.62 -16.77 -16.75
C PHE C 379 13.04 -16.36 -18.16
N ARG C 380 14.27 -16.66 -18.55
CA ARG C 380 14.71 -16.31 -19.90
C ARG C 380 13.93 -17.15 -20.92
N ARG C 381 13.43 -18.30 -20.48
CA ARG C 381 12.63 -19.18 -21.34
C ARG C 381 11.14 -18.89 -21.12
N ASP C 382 10.84 -17.94 -20.24
CA ASP C 382 9.47 -17.56 -19.89
C ASP C 382 8.63 -18.78 -19.53
N LEU C 383 9.23 -19.65 -18.73
CA LEU C 383 8.59 -20.87 -18.26
C LEU C 383 7.51 -20.57 -17.23
N ASP C 384 6.57 -21.50 -17.08
CA ASP C 384 5.54 -21.38 -16.04
C ASP C 384 6.41 -21.68 -14.82
N ILE C 385 6.67 -20.68 -13.99
CA ILE C 385 7.56 -20.87 -12.86
C ILE C 385 7.11 -21.88 -11.80
N HIS C 386 5.80 -22.03 -11.59
CA HIS C 386 5.34 -22.98 -10.60
C HIS C 386 5.52 -24.41 -11.10
N THR C 387 5.24 -24.64 -12.38
CA THR C 387 5.41 -25.96 -12.97
C THR C 387 6.89 -26.31 -12.97
N LYS C 388 7.72 -25.32 -13.31
CA LYS C 388 9.17 -25.53 -13.34
C LYS C 388 9.68 -25.86 -11.95
N THR C 389 9.21 -25.13 -10.95
CA THR C 389 9.64 -25.37 -9.57
C THR C 389 9.24 -26.77 -9.14
N ALA C 390 8.05 -27.19 -9.54
CA ALA C 390 7.55 -28.54 -9.21
C ALA C 390 8.44 -29.60 -9.86
N MET C 391 8.81 -29.40 -11.11
CA MET C 391 9.67 -30.35 -11.82
C MET C 391 10.99 -30.55 -11.09
N ASP C 392 11.58 -29.44 -10.64
CA ASP C 392 12.86 -29.51 -9.96
C ASP C 392 12.81 -30.09 -8.54
N ILE C 393 11.91 -29.58 -7.72
CA ILE C 393 11.85 -30.08 -6.35
C ILE C 393 11.30 -31.49 -6.20
N PHE C 394 10.47 -31.92 -7.15
CA PHE C 394 9.91 -33.27 -7.08
C PHE C 394 10.59 -34.21 -8.07
N GLN C 395 11.57 -33.68 -8.80
CA GLN C 395 12.33 -34.45 -9.77
C GLN C 395 11.48 -35.23 -10.78
N VAL C 396 10.73 -34.51 -11.61
CA VAL C 396 9.91 -35.13 -12.63
C VAL C 396 9.88 -34.28 -13.88
N SER C 397 9.42 -34.85 -15.00
CA SER C 397 9.36 -34.11 -16.25
C SER C 397 8.12 -33.22 -16.23
N GLU C 398 8.01 -32.29 -17.18
CA GLU C 398 6.87 -31.40 -17.22
C GLU C 398 5.53 -32.14 -17.30
N ASP C 399 5.44 -33.14 -18.17
CA ASP C 399 4.18 -33.86 -18.32
C ASP C 399 3.86 -34.75 -17.12
N GLU C 400 4.81 -34.86 -16.19
CA GLU C 400 4.61 -35.66 -14.98
C GLU C 400 4.16 -34.81 -13.80
N VAL C 401 4.14 -33.50 -13.98
CA VAL C 401 3.71 -32.62 -12.91
C VAL C 401 2.19 -32.66 -12.79
N THR C 402 1.70 -33.12 -11.65
CA THR C 402 0.26 -33.20 -11.41
C THR C 402 -0.24 -31.88 -10.85
N PRO C 403 -1.56 -31.68 -10.85
CA PRO C 403 -2.12 -30.44 -10.32
C PRO C 403 -1.72 -30.21 -8.86
N ASN C 404 -1.74 -31.25 -8.04
CA ASN C 404 -1.37 -31.08 -6.63
C ASN C 404 0.10 -30.71 -6.50
N MET C 405 0.93 -31.26 -7.38
CA MET C 405 2.36 -30.93 -7.33
C MET C 405 2.58 -29.45 -7.63
N ARG C 406 1.92 -28.94 -8.68
CA ARG C 406 2.08 -27.54 -9.02
C ARG C 406 1.58 -26.65 -7.90
N ARG C 407 0.47 -27.04 -7.28
CA ARG C 407 -0.10 -26.26 -6.19
C ARG C 407 0.88 -26.12 -5.03
N GLN C 408 1.52 -27.22 -4.67
CA GLN C 408 2.47 -27.16 -3.57
C GLN C 408 3.73 -26.39 -3.95
N ALA C 409 4.16 -26.49 -5.20
CA ALA C 409 5.34 -25.74 -5.63
C ALA C 409 5.00 -24.25 -5.62
N LYS C 410 3.77 -23.92 -5.99
CA LYS C 410 3.32 -22.53 -6.01
C LYS C 410 3.35 -21.98 -4.59
N ALA C 411 2.99 -22.82 -3.62
CA ALA C 411 2.98 -22.41 -2.22
C ALA C 411 4.40 -22.16 -1.74
N VAL C 412 5.34 -22.97 -2.22
CA VAL C 412 6.73 -22.80 -1.85
C VAL C 412 7.18 -21.45 -2.41
N ASN C 413 6.81 -21.15 -3.65
CA ASN C 413 7.18 -19.88 -4.26
C ASN C 413 6.48 -18.72 -3.55
N PHE C 414 5.25 -18.94 -3.09
CA PHE C 414 4.49 -17.91 -2.38
C PHE C 414 5.25 -17.57 -1.11
N GLY C 415 5.82 -18.60 -0.47
CA GLY C 415 6.56 -18.41 0.76
C GLY C 415 7.82 -17.59 0.56
N ILE C 416 8.44 -17.75 -0.60
CA ILE C 416 9.66 -17.01 -0.93
C ILE C 416 9.33 -15.56 -1.25
N VAL C 417 8.22 -15.34 -1.94
CA VAL C 417 7.81 -13.99 -2.30
C VAL C 417 7.42 -13.15 -1.08
N TYR C 418 6.80 -13.77 -0.09
CA TYR C 418 6.38 -13.04 1.10
C TYR C 418 7.22 -13.30 2.35
N GLY C 419 8.28 -14.09 2.20
CA GLY C 419 9.17 -14.38 3.30
C GLY C 419 8.54 -15.05 4.51
N ILE C 420 7.67 -16.03 4.28
CA ILE C 420 7.03 -16.73 5.39
C ILE C 420 7.97 -17.81 5.94
N SER C 421 7.72 -18.20 7.19
CA SER C 421 8.55 -19.21 7.84
C SER C 421 8.14 -20.63 7.46
N ASP C 422 8.96 -21.60 7.82
CA ASP C 422 8.68 -22.99 7.52
C ASP C 422 7.39 -23.41 8.21
N TYR C 423 7.08 -22.78 9.35
CA TYR C 423 5.84 -23.07 10.07
C TYR C 423 4.70 -22.51 9.24
N GLY C 424 4.95 -21.34 8.65
CA GLY C 424 3.96 -20.70 7.82
C GLY C 424 3.66 -21.56 6.61
N LEU C 425 4.70 -22.14 6.03
CA LEU C 425 4.54 -23.01 4.86
C LEU C 425 3.76 -24.25 5.27
N ALA C 426 4.15 -24.83 6.40
CA ALA C 426 3.49 -26.02 6.93
C ALA C 426 2.00 -25.75 7.11
N GLN C 427 1.67 -24.58 7.68
CA GLN C 427 0.28 -24.22 7.91
C GLN C 427 -0.45 -24.00 6.59
N ASN C 428 0.22 -23.32 5.65
CA ASN C 428 -0.39 -23.05 4.35
C ASN C 428 -0.66 -24.34 3.56
N LEU C 429 0.23 -25.31 3.66
CA LEU C 429 0.07 -26.57 2.95
C LEU C 429 -0.57 -27.66 3.81
N ASN C 430 -0.87 -27.33 5.05
CA ASN C 430 -1.47 -28.29 5.97
C ASN C 430 -0.64 -29.56 6.04
N ILE C 431 0.67 -29.39 6.26
CA ILE C 431 1.59 -30.50 6.38
C ILE C 431 2.45 -30.26 7.62
N SER C 432 3.32 -31.21 7.95
CA SER C 432 4.17 -31.05 9.13
C SER C 432 5.30 -30.07 8.84
N ARG C 433 5.72 -29.36 9.88
CA ARG C 433 6.81 -28.40 9.74
C ARG C 433 8.02 -29.13 9.16
N LYS C 434 8.18 -30.38 9.56
CA LYS C 434 9.28 -31.22 9.10
C LYS C 434 9.22 -31.44 7.59
N GLU C 435 8.04 -31.75 7.09
CA GLU C 435 7.86 -31.97 5.65
C GLU C 435 8.04 -30.66 4.90
N ALA C 436 7.59 -29.57 5.50
CA ALA C 436 7.72 -28.25 4.88
C ALA C 436 9.20 -27.90 4.76
N ALA C 437 9.97 -28.30 5.77
CA ALA C 437 11.41 -28.03 5.78
C ALA C 437 12.08 -28.81 4.65
N GLU C 438 11.61 -30.03 4.42
CA GLU C 438 12.17 -30.87 3.35
C GLU C 438 11.91 -30.24 1.99
N PHE C 439 10.75 -29.61 1.84
CA PHE C 439 10.40 -28.96 0.59
C PHE C 439 11.40 -27.83 0.34
N ILE C 440 11.66 -27.06 1.39
CA ILE C 440 12.59 -25.93 1.33
C ILE C 440 13.98 -26.43 0.97
N GLU C 441 14.42 -27.49 1.63
CA GLU C 441 15.74 -28.06 1.38
C GLU C 441 15.82 -28.50 -0.08
N ARG C 442 14.74 -29.08 -0.58
CA ARG C 442 14.70 -29.55 -1.96
C ARG C 442 14.80 -28.34 -2.89
N TYR C 443 14.14 -27.25 -2.52
CA TYR C 443 14.16 -26.05 -3.34
C TYR C 443 15.58 -25.50 -3.42
N PHE C 444 16.26 -25.43 -2.28
CA PHE C 444 17.62 -24.89 -2.27
C PHE C 444 18.61 -25.77 -3.03
N GLU C 445 18.29 -27.06 -3.15
CA GLU C 445 19.16 -27.96 -3.90
C GLU C 445 19.01 -27.66 -5.38
N SER C 446 17.80 -27.27 -5.78
CA SER C 446 17.50 -26.95 -7.17
C SER C 446 17.90 -25.53 -7.54
N PHE C 447 17.92 -24.64 -6.55
CA PHE C 447 18.26 -23.23 -6.77
C PHE C 447 19.33 -22.81 -5.77
N PRO C 448 20.53 -23.37 -5.89
CA PRO C 448 21.66 -23.07 -5.00
C PRO C 448 22.04 -21.60 -4.91
N GLY C 449 21.79 -20.86 -5.99
CA GLY C 449 22.09 -19.44 -6.01
C GLY C 449 21.19 -18.70 -5.03
N VAL C 450 19.92 -19.11 -4.97
CA VAL C 450 18.97 -18.50 -4.05
C VAL C 450 19.40 -18.86 -2.62
N LYS C 451 19.87 -20.08 -2.41
CA LYS C 451 20.31 -20.49 -1.08
C LYS C 451 21.46 -19.60 -0.64
N ARG C 452 22.42 -19.40 -1.53
CA ARG C 452 23.59 -18.56 -1.23
C ARG C 452 23.16 -17.13 -0.92
N TYR C 453 22.19 -16.62 -1.66
CA TYR C 453 21.70 -15.26 -1.43
C TYR C 453 21.07 -15.16 -0.04
N MET C 454 20.22 -16.14 0.30
CA MET C 454 19.54 -16.13 1.59
C MET C 454 20.55 -16.17 2.73
N GLU C 455 21.61 -16.96 2.59
CA GLU C 455 22.62 -17.04 3.63
C GLU C 455 23.42 -15.75 3.71
N ASN C 456 23.81 -15.23 2.55
CA ASN C 456 24.62 -14.02 2.49
C ASN C 456 23.91 -12.75 2.93
N ILE C 457 22.63 -12.61 2.58
CA ILE C 457 21.89 -11.41 2.94
C ILE C 457 21.67 -11.32 4.46
N VAL C 458 21.48 -12.48 5.09
CA VAL C 458 21.28 -12.49 6.54
C VAL C 458 22.60 -12.04 7.18
N GLN C 459 23.71 -12.53 6.63
CA GLN C 459 25.02 -12.17 7.16
C GLN C 459 25.27 -10.66 6.98
N GLU C 460 24.86 -10.14 5.83
CA GLU C 460 25.04 -8.72 5.54
C GLU C 460 24.19 -7.86 6.46
N ALA C 461 22.97 -8.31 6.73
CA ALA C 461 22.08 -7.57 7.63
C ALA C 461 22.71 -7.48 9.01
N LYS C 462 23.36 -8.56 9.41
CA LYS C 462 24.00 -8.60 10.72
C LYS C 462 25.21 -7.68 10.75
N GLN C 463 26.01 -7.71 9.70
CA GLN C 463 27.22 -6.89 9.61
C GLN C 463 26.97 -5.38 9.48
N LYS C 464 26.09 -5.01 8.56
CA LYS C 464 25.80 -3.60 8.32
C LYS C 464 24.67 -3.03 9.18
N GLY C 465 23.76 -3.90 9.61
CA GLY C 465 22.64 -3.47 10.43
C GLY C 465 21.36 -3.22 9.63
N TYR C 466 21.44 -3.37 8.32
CA TYR C 466 20.29 -3.15 7.45
C TYR C 466 20.49 -3.84 6.11
N VAL C 467 19.40 -3.93 5.34
CA VAL C 467 19.48 -4.49 3.98
C VAL C 467 18.96 -3.38 3.06
N THR C 468 19.26 -3.50 1.77
CA THR C 468 18.84 -2.47 0.83
C THR C 468 18.17 -3.04 -0.40
N THR C 469 17.48 -2.17 -1.13
CA THR C 469 16.80 -2.56 -2.35
C THR C 469 17.54 -2.03 -3.57
N LEU C 470 17.03 -2.38 -4.74
CA LEU C 470 17.62 -1.97 -6.00
C LEU C 470 17.86 -0.46 -6.09
N LEU C 471 16.90 0.34 -5.62
CA LEU C 471 17.06 1.79 -5.69
C LEU C 471 17.55 2.43 -4.39
N HIS C 472 18.18 1.62 -3.54
CA HIS C 472 18.78 2.05 -2.28
C HIS C 472 17.86 2.34 -1.10
N ARG C 473 16.66 1.76 -1.13
CA ARG C 473 15.74 1.91 -0.01
C ARG C 473 16.40 1.06 1.08
N ARG C 474 16.21 1.44 2.34
CA ARG C 474 16.84 0.74 3.43
C ARG C 474 15.88 0.24 4.51
N ARG C 475 16.22 -0.88 5.11
CA ARG C 475 15.43 -1.44 6.22
C ARG C 475 16.39 -1.91 7.30
N TYR C 476 16.35 -1.25 8.46
CA TYR C 476 17.23 -1.62 9.56
C TYR C 476 16.62 -2.82 10.27
N LEU C 477 17.48 -3.75 10.67
CA LEU C 477 17.02 -4.96 11.34
C LEU C 477 17.77 -5.23 12.64
N PRO C 478 17.55 -4.41 13.66
CA PRO C 478 18.22 -4.59 14.95
C PRO C 478 17.95 -5.95 15.59
N ASP C 479 16.77 -6.53 15.34
CA ASP C 479 16.43 -7.83 15.92
C ASP C 479 17.22 -9.00 15.36
N ILE C 480 18.04 -8.74 14.34
CA ILE C 480 18.82 -9.77 13.70
C ILE C 480 19.82 -10.42 14.68
N THR C 481 20.13 -9.74 15.77
CA THR C 481 21.08 -10.26 16.75
C THR C 481 20.41 -10.76 18.04
N SER C 482 19.08 -10.79 18.06
CA SER C 482 18.35 -11.21 19.24
C SER C 482 18.58 -12.68 19.59
N ARG C 483 18.62 -12.97 20.90
CA ARG C 483 18.79 -14.35 21.35
C ARG C 483 17.44 -15.03 21.50
N ASN C 484 16.38 -14.33 21.10
CA ASN C 484 15.04 -14.89 21.14
C ASN C 484 14.80 -15.42 19.73
N PHE C 485 14.75 -16.75 19.61
CA PHE C 485 14.57 -17.40 18.32
C PHE C 485 13.51 -16.80 17.41
N ASN C 486 12.29 -16.65 17.92
CA ASN C 486 11.20 -16.09 17.12
C ASN C 486 11.48 -14.68 16.63
N VAL C 487 11.98 -13.83 17.50
CA VAL C 487 12.29 -12.45 17.15
C VAL C 487 13.41 -12.40 16.11
N ARG C 488 14.46 -13.18 16.34
CA ARG C 488 15.59 -13.21 15.41
C ARG C 488 15.16 -13.78 14.07
N SER C 489 14.41 -14.89 14.12
CA SER C 489 13.93 -15.54 12.91
C SER C 489 13.15 -14.59 12.01
N PHE C 490 12.23 -13.83 12.59
CA PHE C 490 11.46 -12.88 11.78
C PHE C 490 12.39 -11.86 11.13
N ALA C 491 13.37 -11.37 11.88
CA ALA C 491 14.30 -10.41 11.35
C ALA C 491 15.09 -11.01 10.18
N GLU C 492 15.45 -12.28 10.30
CA GLU C 492 16.19 -12.93 9.22
C GLU C 492 15.31 -13.06 7.99
N ARG C 493 14.03 -13.36 8.19
CA ARG C 493 13.12 -13.48 7.06
C ARG C 493 12.92 -12.14 6.37
N MET C 494 12.93 -11.05 7.13
CA MET C 494 12.77 -9.73 6.54
C MET C 494 14.05 -9.32 5.82
N ALA C 495 15.19 -9.84 6.26
CA ALA C 495 16.45 -9.53 5.61
C ALA C 495 16.43 -10.18 4.22
N MET C 496 15.89 -11.39 4.17
CA MET C 496 15.82 -12.14 2.92
C MET C 496 14.75 -11.58 1.98
N ASN C 497 13.61 -11.24 2.55
CA ASN C 497 12.49 -10.77 1.75
C ASN C 497 12.40 -9.30 1.35
N THR C 498 12.89 -8.40 2.19
CA THR C 498 12.79 -6.99 1.86
C THR C 498 13.50 -6.60 0.58
N PRO C 499 14.69 -7.16 0.30
CA PRO C 499 15.33 -6.77 -0.96
C PRO C 499 14.51 -7.20 -2.16
N ILE C 500 13.73 -8.27 -1.99
CA ILE C 500 12.91 -8.79 -3.08
C ILE C 500 11.65 -7.94 -3.24
N GLN C 501 10.83 -7.89 -2.20
CA GLN C 501 9.60 -7.10 -2.25
C GLN C 501 9.89 -5.61 -2.43
N GLY C 502 10.92 -5.12 -1.74
CA GLY C 502 11.27 -3.71 -1.83
C GLY C 502 11.75 -3.31 -3.21
N SER C 503 12.54 -4.17 -3.85
CA SER C 503 13.01 -3.84 -5.19
C SER C 503 11.82 -3.85 -6.16
N ALA C 504 10.88 -4.76 -5.96
CA ALA C 504 9.72 -4.80 -6.84
C ALA C 504 8.92 -3.50 -6.64
N ALA C 505 8.88 -3.02 -5.41
CA ALA C 505 8.17 -1.77 -5.10
C ALA C 505 8.88 -0.62 -5.81
N ASP C 506 10.21 -0.60 -5.75
CA ASP C 506 10.97 0.46 -6.40
C ASP C 506 10.65 0.50 -7.89
N ILE C 507 10.65 -0.68 -8.51
CA ILE C 507 10.40 -0.80 -9.94
C ILE C 507 9.04 -0.27 -10.38
N ILE C 508 7.98 -0.68 -9.69
CA ILE C 508 6.68 -0.20 -10.11
C ILE C 508 6.52 1.31 -9.86
N LYS C 509 7.17 1.83 -8.82
CA LYS C 509 7.09 3.26 -8.56
C LYS C 509 7.76 4.00 -9.71
N LYS C 510 8.92 3.51 -10.15
CA LYS C 510 9.61 4.16 -11.25
C LYS C 510 8.77 4.04 -12.52
N ALA C 511 8.12 2.89 -12.68
CA ALA C 511 7.27 2.67 -13.86
C ALA C 511 6.14 3.69 -13.90
N MET C 512 5.59 4.01 -12.73
CA MET C 512 4.49 4.98 -12.67
C MET C 512 4.98 6.35 -13.10
N ILE C 513 6.18 6.72 -12.67
CA ILE C 513 6.77 8.00 -13.04
C ILE C 513 7.04 8.01 -14.55
N ASP C 514 7.66 6.94 -15.04
CA ASP C 514 7.98 6.84 -16.46
C ASP C 514 6.71 6.84 -17.32
N LEU C 515 5.68 6.16 -16.83
CA LEU C 515 4.42 6.08 -17.56
C LEU C 515 3.74 7.44 -17.69
N ASN C 516 3.67 8.19 -16.61
CA ASN C 516 3.03 9.50 -16.67
C ASN C 516 3.76 10.44 -17.59
N ALA C 517 5.09 10.34 -17.63
CA ALA C 517 5.87 11.20 -18.51
C ALA C 517 5.55 10.83 -19.96
N ARG C 518 5.44 9.53 -20.24
CA ARG C 518 5.14 9.09 -21.59
C ARG C 518 3.73 9.47 -22.02
N LEU C 519 2.76 9.31 -21.12
CA LEU C 519 1.37 9.66 -21.46
C LEU C 519 1.28 11.14 -21.82
N LYS C 520 2.06 11.97 -21.13
CA LYS C 520 2.08 13.39 -21.39
C LYS C 520 2.74 13.69 -22.74
N GLU C 521 3.88 13.06 -23.00
CA GLU C 521 4.57 13.27 -24.27
C GLU C 521 3.71 12.84 -25.44
N GLU C 522 2.93 11.77 -25.25
CA GLU C 522 2.07 11.25 -26.29
C GLU C 522 0.73 11.96 -26.42
N ARG C 523 0.49 12.91 -25.53
CA ARG C 523 -0.76 13.68 -25.52
C ARG C 523 -2.00 12.80 -25.35
N LEU C 524 -1.85 11.71 -24.61
CA LEU C 524 -2.98 10.81 -24.37
C LEU C 524 -3.80 11.33 -23.19
N GLN C 525 -5.10 11.06 -23.19
CA GLN C 525 -5.96 11.49 -22.10
C GLN C 525 -5.95 10.44 -20.99
N ALA C 526 -5.45 9.25 -21.33
CA ALA C 526 -5.36 8.15 -20.37
C ALA C 526 -4.68 8.62 -19.08
N HIS C 527 -5.15 8.12 -17.94
CA HIS C 527 -4.52 8.47 -16.68
C HIS C 527 -4.62 7.34 -15.67
N LEU C 528 -3.67 7.33 -14.75
CA LEU C 528 -3.60 6.34 -13.69
C LEU C 528 -4.70 6.56 -12.68
N LEU C 529 -5.26 5.46 -12.18
CA LEU C 529 -6.31 5.51 -11.18
C LEU C 529 -5.83 4.83 -9.90
N LEU C 530 -5.27 3.64 -10.05
CA LEU C 530 -4.82 2.87 -8.89
C LEU C 530 -3.54 2.10 -9.10
N GLN C 531 -2.91 1.76 -7.99
CA GLN C 531 -1.71 0.95 -8.01
C GLN C 531 -2.04 -0.15 -6.98
N VAL C 532 -1.94 -1.40 -7.40
CA VAL C 532 -2.21 -2.53 -6.51
C VAL C 532 -0.99 -3.45 -6.48
N HIS C 533 0.08 -2.92 -5.86
CA HIS C 533 1.36 -3.61 -5.68
C HIS C 533 2.17 -3.98 -6.91
N ASP C 534 1.65 -4.86 -7.77
CA ASP C 534 2.39 -5.21 -8.97
C ASP C 534 1.54 -4.92 -10.19
N GLU C 535 0.44 -4.18 -9.97
CA GLU C 535 -0.49 -3.85 -11.03
C GLU C 535 -0.81 -2.36 -11.10
N LEU C 536 -0.99 -1.84 -12.31
CA LEU C 536 -1.36 -0.44 -12.50
C LEU C 536 -2.73 -0.43 -13.20
N ILE C 537 -3.66 0.38 -12.69
CA ILE C 537 -4.97 0.47 -13.29
C ILE C 537 -5.19 1.89 -13.81
N LEU C 538 -5.57 2.00 -15.07
CA LEU C 538 -5.83 3.29 -15.71
C LEU C 538 -7.22 3.28 -16.34
N GLU C 539 -7.65 4.45 -16.79
CA GLU C 539 -8.90 4.58 -17.54
C GLU C 539 -8.53 5.52 -18.68
N ALA C 540 -9.21 5.37 -19.82
CA ALA C 540 -8.92 6.21 -20.96
C ALA C 540 -10.00 6.07 -22.02
N PRO C 541 -10.04 7.02 -22.98
CA PRO C 541 -11.04 6.97 -24.05
C PRO C 541 -10.87 5.62 -24.75
N LYS C 542 -11.97 5.04 -25.22
CA LYS C 542 -11.87 3.75 -25.90
C LYS C 542 -10.93 3.85 -27.10
N GLU C 543 -10.83 5.03 -27.69
CA GLU C 543 -9.96 5.27 -28.84
C GLU C 543 -8.47 5.19 -28.55
N GLU C 544 -8.10 5.08 -27.27
CA GLU C 544 -6.69 5.00 -26.90
C GLU C 544 -6.24 3.60 -26.48
N MET C 545 -7.16 2.64 -26.44
CA MET C 545 -6.80 1.29 -26.03
C MET C 545 -5.66 0.68 -26.85
N GLU C 546 -5.75 0.75 -28.17
CA GLU C 546 -4.71 0.15 -29.00
C GLU C 546 -3.33 0.74 -28.70
N ARG C 547 -3.25 2.04 -28.54
CA ARG C 547 -1.97 2.65 -28.22
C ARG C 547 -1.49 2.20 -26.84
N LEU C 548 -2.40 2.12 -25.87
CA LEU C 548 -2.02 1.69 -24.53
C LEU C 548 -1.52 0.26 -24.50
N CYS C 549 -2.08 -0.60 -25.35
CA CYS C 549 -1.68 -2.00 -25.41
C CYS C 549 -0.20 -2.15 -25.71
N ARG C 550 0.36 -1.17 -26.42
CA ARG C 550 1.78 -1.22 -26.73
C ARG C 550 2.59 -0.37 -25.76
N LEU C 551 2.08 0.81 -25.44
CA LEU C 551 2.79 1.73 -24.57
C LEU C 551 2.93 1.36 -23.08
N VAL C 552 1.84 0.95 -22.45
CA VAL C 552 1.92 0.63 -21.03
C VAL C 552 2.85 -0.54 -20.71
N PRO C 553 2.73 -1.67 -21.42
CA PRO C 553 3.62 -2.79 -21.12
C PRO C 553 5.09 -2.42 -21.37
N GLU C 554 5.33 -1.70 -22.46
CA GLU C 554 6.69 -1.29 -22.81
C GLU C 554 7.33 -0.47 -21.70
N VAL C 555 6.62 0.57 -21.26
CA VAL C 555 7.14 1.42 -20.20
C VAL C 555 7.38 0.63 -18.91
N MET C 556 6.44 -0.24 -18.56
CA MET C 556 6.59 -1.02 -17.35
C MET C 556 7.74 -2.01 -17.45
N GLU C 557 7.87 -2.66 -18.60
CA GLU C 557 8.93 -3.66 -18.76
C GLU C 557 10.32 -3.04 -18.83
N GLN C 558 10.40 -1.78 -19.27
CA GLN C 558 11.69 -1.10 -19.39
C GLN C 558 12.03 -0.16 -18.23
N ALA C 559 11.22 -0.18 -17.17
CA ALA C 559 11.45 0.70 -16.03
C ALA C 559 12.87 0.52 -15.50
N VAL C 560 13.32 -0.72 -15.47
CA VAL C 560 14.69 -1.05 -15.05
C VAL C 560 15.18 -2.16 -15.95
N THR C 561 16.48 -2.41 -15.93
CA THR C 561 17.04 -3.48 -16.73
C THR C 561 17.65 -4.49 -15.76
N LEU C 562 17.10 -5.70 -15.76
CA LEU C 562 17.57 -6.76 -14.87
C LEU C 562 18.26 -7.84 -15.70
N ARG C 563 18.79 -8.85 -15.00
CA ARG C 563 19.47 -9.96 -15.66
C ARG C 563 18.48 -10.87 -16.36
N VAL C 564 17.20 -10.67 -16.08
CA VAL C 564 16.13 -11.43 -16.73
C VAL C 564 15.12 -10.42 -17.23
N PRO C 565 14.31 -10.81 -18.23
CA PRO C 565 13.31 -9.87 -18.74
C PRO C 565 12.22 -9.59 -17.70
N LEU C 566 11.52 -8.48 -17.87
CA LEU C 566 10.38 -8.17 -17.02
C LEU C 566 9.22 -8.42 -17.97
N LYS C 567 8.16 -9.04 -17.48
CA LYS C 567 7.01 -9.36 -18.33
C LYS C 567 5.74 -8.74 -17.76
N VAL C 568 4.96 -8.10 -18.63
CA VAL C 568 3.73 -7.46 -18.20
C VAL C 568 2.52 -7.97 -18.98
N ASP C 569 1.48 -8.36 -18.26
CA ASP C 569 0.25 -8.82 -18.92
C ASP C 569 -0.72 -7.66 -18.83
N TYR C 570 -1.68 -7.61 -19.74
CA TYR C 570 -2.63 -6.51 -19.72
C TYR C 570 -3.97 -6.87 -20.35
N HIS C 571 -5.01 -6.15 -19.91
CA HIS C 571 -6.36 -6.37 -20.41
C HIS C 571 -7.15 -5.08 -20.19
N TYR C 572 -8.23 -4.91 -20.93
CA TYR C 572 -9.05 -3.73 -20.75
C TYR C 572 -10.51 -4.13 -20.94
N GLY C 573 -11.41 -3.33 -20.36
CA GLY C 573 -12.83 -3.64 -20.47
C GLY C 573 -13.70 -2.52 -19.95
N SER C 574 -15.02 -2.75 -19.95
CA SER C 574 -15.98 -1.76 -19.50
C SER C 574 -16.03 -1.55 -18.00
N THR C 575 -15.52 -2.50 -17.24
CA THR C 575 -15.46 -2.40 -15.77
C THR C 575 -14.15 -3.02 -15.33
N TRP C 576 -13.78 -2.81 -14.08
CA TRP C 576 -12.54 -3.38 -13.58
C TRP C 576 -12.62 -4.90 -13.69
N TYR C 577 -13.81 -5.45 -13.47
CA TYR C 577 -14.01 -6.89 -13.55
C TYR C 577 -13.63 -7.41 -14.93
N ASP C 578 -13.98 -6.65 -15.96
CA ASP C 578 -13.71 -7.05 -17.33
C ASP C 578 -12.28 -6.80 -17.78
N ALA C 579 -11.53 -6.02 -16.99
CA ALA C 579 -10.15 -5.73 -17.34
C ALA C 579 -9.25 -6.91 -16.96
N LYS C 580 -9.64 -8.10 -17.40
CA LYS C 580 -8.89 -9.32 -17.13
C LYS C 580 -9.01 -10.31 -18.28
#